data_5K8K
#
_entry.id   5K8K
#
_cell.length_a   99.840
_cell.length_b   99.840
_cell.length_c   200.850
_cell.angle_alpha   90.00
_cell.angle_beta   90.00
_cell.angle_gamma   120.00
#
_symmetry.space_group_name_H-M   'H 3 2'
#
loop_
_entity.id
_entity.type
_entity.pdbx_description
1 polymer 'UDP-2,3-diacylglucosamine hydrolase'
2 non-polymer 'MANGANESE (II) ION'
3 non-polymer '(R)-((2R,3S,4R,5R,6R)-3-HYDROXY-2-(HYDROXYMETHYL)-5-((R)-3-HYDROXYTETRADECANAMIDO)-6-(PHOSPHONOOXY)TETRAHYDRO-2H-PYRAN-4-YL) 3-HYDROXYTETRADECANOATE'
4 non-polymer 'ACETATE ION'
5 non-polymer GLYCEROL
6 water water
#
_entity_poly.entity_id   1
_entity_poly.type   'polypeptide(L)'
_entity_poly.pdbx_seq_one_letter_code
;(MSE)KHSYFISDLHLSETQPELTALFVDF(MSE)QNLAPQAERLYILGDLFDFWIGDDEQSALIQQVKDLIKFVSDQGV
QCYFQHGNRDFLIGERFSKETGAQLLPDYQLITLYDKKILLCHGDTLCIDDEAYQQFRRRVHQKWLQRLFLCLPLKVRVI
IAEKIRAKSNQDKQAKSQEI(MSE)DVNQAFTAEKVQEFGVNLLIHGHTHREAIHQQEEFTRIVLGDWRKNYASILK
(MSE)DESGEFGFIKDLEENLYFQSHHHHHHHHHH
;
_entity_poly.pdbx_strand_id   A
#
# COMPACT_ATOMS: atom_id res chain seq x y z
N LYS A 2 -18.20 -15.37 3.92
CA LYS A 2 -17.24 -14.42 4.46
C LYS A 2 -16.09 -14.21 3.48
N HIS A 3 -15.71 -12.95 3.29
CA HIS A 3 -14.64 -12.65 2.35
C HIS A 3 -13.94 -11.37 2.80
N SER A 4 -12.72 -11.18 2.28
CA SER A 4 -11.89 -10.03 2.61
C SER A 4 -11.22 -9.53 1.35
N TYR A 5 -10.87 -8.25 1.35
CA TYR A 5 -10.28 -7.59 0.19
C TYR A 5 -8.87 -7.09 0.50
N PHE A 6 -8.05 -7.02 -0.55
CA PHE A 6 -6.70 -6.51 -0.48
C PHE A 6 -6.48 -5.56 -1.64
N ILE A 7 -6.05 -4.33 -1.35
CA ILE A 7 -5.78 -3.33 -2.38
C ILE A 7 -4.53 -2.55 -2.00
N SER A 8 -3.89 -1.95 -3.02
CA SER A 8 -2.79 -1.05 -2.81
C SER A 8 -2.56 -0.26 -4.09
N ASP A 9 -1.62 0.68 -4.02
CA ASP A 9 -1.10 1.39 -5.19
C ASP A 9 -2.21 2.08 -5.98
N LEU A 10 -3.07 2.79 -5.25
CA LEU A 10 -4.11 3.60 -5.87
C LEU A 10 -3.60 4.98 -6.25
N HIS A 11 -2.64 5.52 -5.51
CA HIS A 11 -2.08 6.85 -5.70
C HIS A 11 -3.19 7.87 -6.02
N LEU A 12 -4.12 7.99 -5.07
CA LEU A 12 -5.23 8.92 -5.25
C LEU A 12 -4.72 10.35 -5.31
N SER A 13 -5.25 11.12 -6.26
CA SER A 13 -4.84 12.50 -6.46
C SER A 13 -5.95 13.24 -7.21
N GLU A 14 -6.04 14.54 -6.96
CA GLU A 14 -7.01 15.37 -7.68
C GLU A 14 -6.70 15.40 -9.17
N THR A 15 -5.42 15.28 -9.54
CA THR A 15 -5.04 15.16 -10.94
C THR A 15 -5.75 13.98 -11.62
N GLN A 16 -6.02 12.90 -10.88
CA GLN A 16 -6.65 11.69 -11.42
C GLN A 16 -7.95 11.42 -10.66
N PRO A 17 -9.04 12.10 -11.01
CA PRO A 17 -10.34 11.81 -10.40
C PRO A 17 -11.01 10.56 -10.95
N GLU A 18 -10.41 9.90 -11.94
CA GLU A 18 -10.99 8.68 -12.48
C GLU A 18 -10.85 7.50 -11.52
N LEU A 19 -9.75 7.47 -10.75
CA LEU A 19 -9.55 6.42 -9.77
C LEU A 19 -10.36 6.66 -8.50
N THR A 20 -10.42 7.91 -8.05
CA THR A 20 -11.24 8.23 -6.89
C THR A 20 -12.66 7.72 -7.08
N ALA A 21 -13.22 7.89 -8.28
CA ALA A 21 -14.54 7.34 -8.57
C ALA A 21 -14.54 5.82 -8.40
N LEU A 22 -13.52 5.14 -8.94
CA LEU A 22 -13.40 3.70 -8.74
C LEU A 22 -13.27 3.35 -7.26
N PHE A 23 -12.53 4.17 -6.50
CA PHE A 23 -12.38 3.92 -5.07
C PHE A 23 -13.69 4.11 -4.33
N VAL A 24 -14.47 5.13 -4.73
CA VAL A 24 -15.76 5.37 -4.08
C VAL A 24 -16.71 4.20 -4.34
N ASP A 25 -16.73 3.68 -5.57
CA ASP A 25 -17.62 2.57 -5.87
C ASP A 25 -17.23 1.31 -5.10
N PHE A 26 -15.92 1.06 -4.96
CA PHE A 26 -15.46 -0.11 -4.22
C PHE A 26 -15.78 0.01 -2.74
N GLN A 28 -18.06 1.80 -1.22
CA GLN A 28 -19.48 1.90 -0.91
C GLN A 28 -20.28 0.66 -1.31
N ASN A 29 -19.79 -0.15 -2.25
CA ASN A 29 -20.58 -1.26 -2.76
C ASN A 29 -20.00 -2.64 -2.48
N LEU A 30 -18.70 -2.78 -2.28
CA LEU A 30 -18.12 -4.08 -1.97
C LEU A 30 -17.49 -4.14 -0.60
N ALA A 31 -16.72 -3.13 -0.22
CA ALA A 31 -16.07 -3.11 1.09
C ALA A 31 -17.02 -3.34 2.26
N PRO A 32 -18.22 -2.75 2.33
CA PRO A 32 -19.07 -2.97 3.51
C PRO A 32 -19.42 -4.42 3.77
N GLN A 33 -19.43 -5.28 2.75
CA GLN A 33 -19.74 -6.69 2.95
C GLN A 33 -18.51 -7.54 3.23
N ALA A 34 -17.34 -6.91 3.37
CA ALA A 34 -16.12 -7.65 3.63
C ALA A 34 -15.92 -7.86 5.13
N GLU A 35 -15.25 -8.95 5.47
CA GLU A 35 -14.82 -9.20 6.85
C GLU A 35 -13.62 -8.33 7.23
N ARG A 36 -12.62 -8.22 6.35
CA ARG A 36 -11.47 -7.36 6.57
C ARG A 36 -11.07 -6.66 5.29
N LEU A 37 -10.53 -5.45 5.44
CA LEU A 37 -9.97 -4.68 4.34
C LEU A 37 -8.52 -4.33 4.69
N TYR A 38 -7.59 -4.80 3.87
CA TYR A 38 -6.18 -4.44 4.00
C TYR A 38 -5.78 -3.52 2.85
N ILE A 39 -5.21 -2.37 3.19
CA ILE A 39 -4.66 -1.43 2.23
C ILE A 39 -3.14 -1.45 2.40
N LEU A 40 -2.43 -2.01 1.43
CA LEU A 40 -1.00 -2.26 1.57
C LEU A 40 -0.16 -1.18 0.90
N GLY A 41 -0.40 0.06 1.31
CA GLY A 41 0.46 1.17 0.96
C GLY A 41 0.05 1.87 -0.33
N ASP A 42 0.63 3.05 -0.51
CA ASP A 42 0.39 3.89 -1.69
C ASP A 42 -1.11 4.09 -1.92
N LEU A 43 -1.82 4.42 -0.84
CA LEU A 43 -3.20 4.83 -1.00
C LEU A 43 -3.28 6.21 -1.66
N PHE A 44 -2.42 7.13 -1.22
CA PHE A 44 -2.35 8.47 -1.78
C PHE A 44 -1.15 8.61 -2.72
N ASP A 45 -1.23 9.59 -3.61
CA ASP A 45 -0.10 9.90 -4.49
C ASP A 45 1.12 10.30 -3.66
N PHE A 46 0.90 11.04 -2.57
CA PHE A 46 1.96 11.32 -1.61
C PHE A 46 1.30 11.77 -0.32
N TRP A 47 2.04 11.65 0.78
CA TRP A 47 1.56 12.06 2.09
C TRP A 47 2.67 12.81 2.80
N ILE A 48 2.38 14.02 3.25
CA ILE A 48 3.37 14.89 3.88
C ILE A 48 3.07 15.13 5.35
N GLY A 49 2.05 14.52 5.91
CA GLY A 49 1.76 14.62 7.33
C GLY A 49 0.27 14.49 7.58
N ASP A 50 -0.07 14.08 8.80
CA ASP A 50 -1.46 13.81 9.15
C ASP A 50 -2.32 15.06 9.25
N ASP A 51 -1.76 16.26 9.11
CA ASP A 51 -2.54 17.49 9.13
C ASP A 51 -2.90 17.97 7.73
N GLU A 52 -2.62 17.18 6.70
CA GLU A 52 -3.10 17.47 5.36
C GLU A 52 -4.63 17.55 5.34
N GLN A 53 -5.16 18.51 4.60
CA GLN A 53 -6.61 18.70 4.47
C GLN A 53 -6.95 19.05 3.04
N SER A 54 -7.99 18.42 2.51
CA SER A 54 -8.52 18.70 1.19
C SER A 54 -9.82 17.95 1.02
N ALA A 55 -10.57 18.33 -0.02
CA ALA A 55 -11.84 17.65 -0.31
C ALA A 55 -11.60 16.17 -0.63
N LEU A 56 -10.50 15.87 -1.33
CA LEU A 56 -10.19 14.48 -1.65
C LEU A 56 -9.76 13.71 -0.40
N ILE A 57 -8.93 14.33 0.44
CA ILE A 57 -8.46 13.65 1.65
C ILE A 57 -9.62 13.37 2.60
N GLN A 58 -10.48 14.37 2.82
CA GLN A 58 -11.61 14.17 3.71
C GLN A 58 -12.59 13.16 3.14
N GLN A 59 -12.68 13.05 1.82
CA GLN A 59 -13.49 12.02 1.19
C GLN A 59 -12.95 10.63 1.48
N VAL A 60 -11.65 10.43 1.22
CA VAL A 60 -11.03 9.13 1.37
C VAL A 60 -11.07 8.69 2.82
N LYS A 61 -10.81 9.61 3.75
CA LYS A 61 -10.93 9.28 5.17
C LYS A 61 -12.35 8.87 5.52
N ASP A 62 -13.35 9.57 4.97
CA ASP A 62 -14.75 9.23 5.25
C ASP A 62 -15.10 7.84 4.77
N LEU A 63 -14.70 7.49 3.54
CA LEU A 63 -14.99 6.16 3.02
C LEU A 63 -14.42 5.08 3.93
N ILE A 64 -13.20 5.28 4.43
CA ILE A 64 -12.59 4.29 5.31
C ILE A 64 -13.34 4.24 6.64
N LYS A 65 -13.74 5.40 7.16
CA LYS A 65 -14.43 5.40 8.44
C LYS A 65 -15.82 4.78 8.33
N PHE A 66 -16.51 5.01 7.20
CA PHE A 66 -17.84 4.43 7.02
C PHE A 66 -17.77 2.91 6.92
N VAL A 67 -16.79 2.39 6.19
CA VAL A 67 -16.57 0.95 6.12
C VAL A 67 -16.18 0.40 7.49
N SER A 68 -15.29 1.11 8.19
CA SER A 68 -14.81 0.63 9.48
C SER A 68 -15.93 0.58 10.52
N ASP A 69 -16.74 1.63 10.60
CA ASP A 69 -17.78 1.69 11.63
C ASP A 69 -18.85 0.62 11.43
N GLN A 70 -19.01 0.12 10.21
CA GLN A 70 -19.91 -0.99 9.94
C GLN A 70 -19.32 -2.34 10.33
N GLY A 71 -18.22 -2.37 11.06
CA GLY A 71 -17.67 -3.61 11.57
C GLY A 71 -16.61 -4.26 10.72
N VAL A 72 -16.27 -3.68 9.57
CA VAL A 72 -15.19 -4.21 8.75
C VAL A 72 -13.85 -3.84 9.39
N GLN A 73 -13.00 -4.84 9.61
CA GLN A 73 -11.68 -4.62 10.20
C GLN A 73 -10.75 -4.06 9.14
N CYS A 74 -10.38 -2.79 9.27
CA CYS A 74 -9.57 -2.10 8.28
C CYS A 74 -8.13 -2.00 8.76
N TYR A 75 -7.19 -2.24 7.85
CA TYR A 75 -5.78 -2.16 8.17
C TYR A 75 -5.04 -1.39 7.09
N PHE A 76 -4.04 -0.63 7.51
CA PHE A 76 -3.19 0.12 6.58
C PHE A 76 -1.74 -0.21 6.85
N GLN A 77 -1.03 -0.61 5.81
CA GLN A 77 0.42 -0.79 5.83
C GLN A 77 1.03 0.31 4.98
N HIS A 78 2.12 0.89 5.47
CA HIS A 78 2.72 2.03 4.78
C HIS A 78 3.27 1.62 3.42
N GLY A 79 3.18 2.54 2.46
CA GLY A 79 3.90 2.45 1.22
C GLY A 79 5.05 3.44 1.20
N ASN A 80 5.71 3.50 0.06
CA ASN A 80 6.77 4.49 -0.17
C ASN A 80 6.21 5.89 -0.42
N ARG A 81 4.98 6.00 -0.92
CA ARG A 81 4.40 7.32 -1.16
C ARG A 81 3.80 7.93 0.10
N ASP A 82 3.35 7.11 1.05
CA ASP A 82 2.61 7.60 2.21
C ASP A 82 3.12 6.98 3.50
N PHE A 83 4.44 6.92 3.68
CA PHE A 83 4.98 6.34 4.90
C PHE A 83 4.86 7.25 6.11
N LEU A 84 4.46 8.51 5.93
CA LEU A 84 4.30 9.44 7.04
C LEU A 84 2.95 9.30 7.75
N ILE A 85 2.06 8.42 7.30
CA ILE A 85 0.77 8.24 7.97
C ILE A 85 0.99 7.76 9.39
N GLY A 86 0.33 8.42 10.35
CA GLY A 86 0.57 8.15 11.76
C GLY A 86 -0.66 7.85 12.59
N GLU A 87 -0.52 8.02 13.91
CA GLU A 87 -1.59 7.65 14.84
C GLU A 87 -2.85 8.47 14.62
N ARG A 88 -2.71 9.74 14.23
CA ARG A 88 -3.89 10.58 14.06
C ARG A 88 -4.73 10.10 12.88
N PHE A 89 -4.09 9.81 11.74
CA PHE A 89 -4.82 9.26 10.61
C PHE A 89 -5.50 7.94 10.97
N SER A 90 -4.86 7.14 11.83
CA SER A 90 -5.44 5.87 12.24
C SER A 90 -6.69 6.07 13.07
N LYS A 91 -6.68 7.04 13.99
CA LYS A 91 -7.87 7.28 14.82
C LYS A 91 -9.01 7.87 13.99
N GLU A 92 -8.70 8.79 13.07
CA GLU A 92 -9.74 9.42 12.27
C GLU A 92 -10.43 8.43 11.33
N THR A 93 -9.74 7.36 10.92
CA THR A 93 -10.29 6.46 9.90
C THR A 93 -10.72 5.11 10.44
N GLY A 94 -10.20 4.67 11.58
CA GLY A 94 -10.40 3.31 12.03
C GLY A 94 -9.42 2.30 11.47
N ALA A 95 -8.56 2.70 10.54
CA ALA A 95 -7.61 1.78 9.93
C ALA A 95 -6.40 1.59 10.84
N GLN A 96 -6.23 0.36 11.33
CA GLN A 96 -5.11 0.05 12.21
C GLN A 96 -3.81 -0.03 11.40
N LEU A 97 -2.75 0.54 11.96
CA LEU A 97 -1.46 0.60 11.29
C LEU A 97 -0.70 -0.71 11.47
N LEU A 98 -0.24 -1.28 10.37
CA LEU A 98 0.56 -2.49 10.40
C LEU A 98 2.04 -2.15 10.19
N PRO A 99 2.94 -2.92 10.79
CA PRO A 99 4.38 -2.76 10.50
C PRO A 99 4.74 -3.15 9.07
N ASP A 100 6.01 -2.98 8.66
CA ASP A 100 6.39 -3.18 7.26
C ASP A 100 6.23 -4.63 6.81
N TYR A 101 6.31 -5.58 7.72
CA TYR A 101 5.91 -6.96 7.48
C TYR A 101 4.82 -7.33 8.46
N GLN A 102 3.80 -8.07 8.01
CA GLN A 102 2.80 -8.56 8.94
C GLN A 102 2.34 -9.95 8.54
N LEU A 103 2.55 -10.91 9.44
CA LEU A 103 1.96 -12.24 9.28
C LEU A 103 0.52 -12.21 9.78
N ILE A 104 -0.41 -12.72 8.96
CA ILE A 104 -1.81 -12.80 9.33
C ILE A 104 -2.28 -14.24 9.16
N THR A 105 -3.34 -14.57 9.89
CA THR A 105 -4.03 -15.84 9.74
C THR A 105 -5.45 -15.53 9.30
N LEU A 106 -5.78 -15.96 8.08
CA LEU A 106 -7.06 -15.62 7.47
C LEU A 106 -7.54 -16.83 6.70
N TYR A 107 -8.75 -17.30 7.02
CA TYR A 107 -9.38 -18.43 6.33
C TYR A 107 -8.45 -19.64 6.29
N ASP A 108 -7.87 -19.95 7.46
CA ASP A 108 -7.00 -21.11 7.64
C ASP A 108 -5.73 -21.03 6.78
N LYS A 109 -5.31 -19.82 6.42
CA LYS A 109 -4.08 -19.63 5.65
C LYS A 109 -3.15 -18.68 6.41
N LYS A 110 -1.87 -19.01 6.41
CA LYS A 110 -0.83 -18.14 6.95
C LYS A 110 -0.30 -17.28 5.81
N ILE A 111 -0.45 -15.96 5.94
CA ILE A 111 -0.12 -15.04 4.86
C ILE A 111 0.84 -13.96 5.36
N LEU A 112 1.85 -13.66 4.55
CA LEU A 112 2.78 -12.57 4.82
C LEU A 112 2.40 -11.36 3.98
N LEU A 113 2.27 -10.20 4.64
CA LEU A 113 1.90 -8.95 4.00
C LEU A 113 3.06 -7.97 4.07
N CYS A 114 3.39 -7.36 2.95
CA CYS A 114 4.28 -6.21 2.93
C CYS A 114 3.94 -5.34 1.74
N HIS A 115 4.48 -4.12 1.73
CA HIS A 115 4.20 -3.25 0.60
C HIS A 115 4.87 -3.76 -0.67
N GLY A 116 6.11 -4.24 -0.57
CA GLY A 116 6.85 -4.76 -1.70
C GLY A 116 8.15 -4.03 -1.99
N ASP A 117 8.31 -2.80 -1.48
CA ASP A 117 9.53 -2.04 -1.74
C ASP A 117 10.74 -2.55 -0.96
N THR A 118 10.52 -3.18 0.20
CA THR A 118 11.63 -3.74 0.95
C THR A 118 12.22 -4.97 0.28
N LEU A 119 11.52 -5.55 -0.70
CA LEU A 119 11.99 -6.72 -1.43
C LEU A 119 12.81 -6.37 -2.65
N CYS A 120 12.81 -5.11 -3.07
CA CYS A 120 13.58 -4.66 -4.23
C CYS A 120 14.97 -4.19 -3.78
N ILE A 121 15.71 -5.15 -3.20
CA ILE A 121 16.97 -4.84 -2.54
C ILE A 121 18.10 -4.52 -3.51
N ASP A 122 17.92 -4.81 -4.79
CA ASP A 122 18.94 -4.48 -5.78
C ASP A 122 18.86 -3.02 -6.21
N ASP A 123 17.71 -2.37 -6.03
CA ASP A 123 17.60 -0.93 -6.21
C ASP A 123 18.28 -0.23 -5.05
N GLU A 124 19.62 -0.25 -5.02
CA GLU A 124 20.36 0.28 -3.88
C GLU A 124 20.15 1.78 -3.71
N ALA A 125 19.93 2.51 -4.81
CA ALA A 125 19.64 3.93 -4.67
C ALA A 125 18.35 4.15 -3.91
N TYR A 126 17.30 3.37 -4.23
CA TYR A 126 16.06 3.49 -3.48
C TYR A 126 16.26 3.07 -2.02
N GLN A 127 16.95 1.95 -1.78
CA GLN A 127 17.07 1.48 -0.40
C GLN A 127 17.85 2.45 0.48
N GLN A 128 18.84 3.14 -0.08
CA GLN A 128 19.55 4.14 0.71
C GLN A 128 18.65 5.33 1.02
N PHE A 129 17.85 5.77 0.04
CA PHE A 129 16.87 6.81 0.30
C PHE A 129 15.82 6.36 1.31
N ARG A 130 15.44 5.08 1.28
CA ARG A 130 14.43 4.57 2.22
C ARG A 130 14.95 4.59 3.66
N ARG A 131 16.23 4.26 3.86
N ARG A 131 16.22 4.25 3.86
CA ARG A 131 16.81 4.28 5.20
CA ARG A 131 16.81 4.28 5.20
C ARG A 131 16.80 5.70 5.77
C ARG A 131 16.80 5.70 5.77
N ARG A 132 17.05 6.70 4.94
CA ARG A 132 17.12 8.08 5.43
C ARG A 132 15.76 8.58 5.89
N VAL A 133 14.75 8.51 5.01
CA VAL A 133 13.44 9.07 5.32
C VAL A 133 12.69 8.29 6.38
N HIS A 134 13.13 7.09 6.73
CA HIS A 134 12.50 6.32 7.78
C HIS A 134 13.11 6.57 9.15
N GLN A 135 14.07 7.50 9.26
CA GLN A 135 14.61 7.87 10.56
C GLN A 135 13.68 8.84 11.26
N LYS A 136 13.36 8.54 12.51
CA LYS A 136 12.31 9.28 13.21
C LYS A 136 12.69 10.74 13.44
N TRP A 137 13.97 11.01 13.74
CA TRP A 137 14.37 12.38 14.05
C TRP A 137 14.17 13.29 12.84
N LEU A 138 14.52 12.80 11.65
CA LEU A 138 14.34 13.61 10.45
C LEU A 138 12.88 13.80 10.11
N GLN A 139 12.03 12.80 10.41
CA GLN A 139 10.60 12.96 10.18
C GLN A 139 10.01 14.03 11.09
N ARG A 140 10.47 14.10 12.35
CA ARG A 140 10.02 15.16 13.24
C ARG A 140 10.43 16.53 12.69
N LEU A 141 11.63 16.61 12.12
CA LEU A 141 12.07 17.86 11.50
C LEU A 141 11.17 18.23 10.32
N PHE A 142 10.91 17.26 9.43
CA PHE A 142 10.13 17.53 8.23
C PHE A 142 8.73 18.03 8.59
N LEU A 143 8.10 17.42 9.59
CA LEU A 143 6.74 17.80 9.95
C LEU A 143 6.68 19.13 10.70
N CYS A 144 7.82 19.67 11.14
CA CYS A 144 7.83 21.01 11.72
C CYS A 144 7.68 22.10 10.66
N LEU A 145 8.08 21.81 9.43
CA LEU A 145 7.92 22.78 8.35
C LEU A 145 6.44 23.05 8.08
N PRO A 146 6.12 24.23 7.55
CA PRO A 146 4.73 24.51 7.19
C PRO A 146 4.17 23.52 6.17
N LEU A 147 2.84 23.42 6.14
CA LEU A 147 2.18 22.50 5.22
C LEU A 147 2.53 22.80 3.77
N LYS A 148 2.60 24.08 3.41
CA LYS A 148 2.78 24.44 2.01
C LYS A 148 4.19 24.14 1.51
N VAL A 149 5.20 24.21 2.38
CA VAL A 149 6.55 23.93 1.90
C VAL A 149 6.79 22.43 1.75
N ARG A 150 6.14 21.61 2.58
CA ARG A 150 6.31 20.17 2.46
C ARG A 150 5.68 19.64 1.18
N VAL A 151 4.63 20.29 0.68
CA VAL A 151 4.00 19.83 -0.56
C VAL A 151 4.93 20.01 -1.73
N ILE A 152 5.59 21.17 -1.81
CA ILE A 152 6.55 21.41 -2.88
C ILE A 152 7.73 20.46 -2.76
N ILE A 153 8.23 20.25 -1.55
CA ILE A 153 9.26 19.23 -1.32
C ILE A 153 8.79 17.87 -1.81
N ALA A 154 7.52 17.53 -1.54
CA ALA A 154 7.02 16.24 -1.98
C ALA A 154 6.88 16.18 -3.49
N GLU A 155 6.33 17.24 -4.09
CA GLU A 155 6.16 17.32 -5.54
C GLU A 155 7.50 17.30 -6.27
N LYS A 156 8.53 17.84 -5.66
N LYS A 156 8.53 17.83 -5.64
CA LYS A 156 9.85 17.79 -6.27
CA LYS A 156 9.90 17.84 -6.16
C LYS A 156 10.59 16.49 -5.99
C LYS A 156 10.55 16.48 -6.00
N ILE A 157 10.40 15.89 -4.80
CA ILE A 157 10.94 14.55 -4.57
C ILE A 157 10.27 13.56 -5.51
N ARG A 158 8.95 13.68 -5.67
CA ARG A 158 8.28 12.93 -6.73
C ARG A 158 8.95 13.18 -8.08
N ALA A 159 9.24 14.45 -8.40
CA ALA A 159 9.78 14.79 -9.70
C ALA A 159 11.15 14.15 -9.93
N LYS A 160 12.03 14.21 -8.93
CA LYS A 160 13.33 13.55 -9.06
C LYS A 160 13.16 12.05 -9.24
N SER A 161 12.33 11.43 -8.41
CA SER A 161 12.11 9.99 -8.50
C SER A 161 11.60 9.58 -9.87
N ASN A 162 10.82 10.45 -10.53
CA ASN A 162 10.40 10.15 -11.90
C ASN A 162 11.59 10.14 -12.85
N GLN A 163 12.59 11.00 -12.60
CA GLN A 163 13.78 11.02 -13.45
C GLN A 163 14.64 9.78 -13.21
N ASP A 164 14.94 9.49 -11.94
CA ASP A 164 15.82 8.37 -11.61
C ASP A 164 15.29 7.04 -12.11
N LYS A 165 13.95 6.87 -12.16
CA LYS A 165 13.40 5.60 -12.60
C LYS A 165 13.70 5.35 -14.07
N GLN A 166 13.64 6.39 -14.91
CA GLN A 166 14.00 6.23 -16.31
C GLN A 166 15.49 5.96 -16.50
N ALA A 167 16.31 6.23 -15.47
CA ALA A 167 17.72 5.86 -15.46
C ALA A 167 17.96 4.42 -15.01
N LYS A 168 16.93 3.71 -14.56
CA LYS A 168 17.05 2.37 -14.04
C LYS A 168 16.41 1.35 -14.99
N SER A 169 16.96 0.15 -14.99
CA SER A 169 16.35 -0.96 -15.70
C SER A 169 15.16 -1.50 -14.91
N GLN A 170 14.36 -2.33 -15.58
CA GLN A 170 13.21 -2.92 -14.92
C GLN A 170 13.61 -3.99 -13.92
N GLU A 171 14.75 -4.65 -14.15
CA GLU A 171 15.19 -5.75 -13.28
C GLU A 171 15.37 -5.26 -11.84
N ILE A 172 16.21 -4.23 -11.64
CA ILE A 172 16.50 -3.77 -10.30
C ILE A 172 15.33 -3.06 -9.64
N ASP A 174 12.30 -4.37 -9.60
CA ASP A 174 11.39 -5.44 -9.22
C ASP A 174 11.99 -6.24 -8.07
N VAL A 175 11.21 -7.20 -7.57
CA VAL A 175 11.57 -7.89 -6.34
C VAL A 175 12.72 -8.86 -6.60
N ASN A 176 13.68 -8.88 -5.68
CA ASN A 176 14.74 -9.88 -5.69
C ASN A 176 14.18 -11.22 -5.22
N GLN A 177 14.28 -12.24 -6.07
CA GLN A 177 13.59 -13.49 -5.83
C GLN A 177 14.19 -14.24 -4.64
N ALA A 178 15.52 -14.26 -4.52
CA ALA A 178 16.15 -14.98 -3.42
C ALA A 178 15.78 -14.37 -2.07
N PHE A 179 15.84 -13.04 -1.98
CA PHE A 179 15.47 -12.34 -0.76
C PHE A 179 14.00 -12.57 -0.43
N THR A 180 13.13 -12.46 -1.44
CA THR A 180 11.71 -12.74 -1.26
C THR A 180 11.47 -14.17 -0.79
N ALA A 181 12.22 -15.12 -1.34
CA ALA A 181 12.10 -16.51 -0.90
C ALA A 181 12.53 -16.66 0.56
N GLU A 182 13.54 -15.90 0.98
CA GLU A 182 14.02 -15.99 2.35
C GLU A 182 12.99 -15.41 3.33
N LYS A 183 12.32 -14.31 2.97
N LYS A 183 12.37 -14.29 2.97
CA LYS A 183 11.32 -13.75 3.87
CA LYS A 183 11.28 -13.70 3.74
C LYS A 183 10.15 -14.71 4.07
C LYS A 183 10.20 -14.72 4.05
N VAL A 184 9.73 -15.39 3.00
CA VAL A 184 8.66 -16.37 3.09
C VAL A 184 9.07 -17.50 4.03
N GLN A 185 10.34 -17.88 3.99
CA GLN A 185 10.79 -18.93 4.89
C GLN A 185 10.89 -18.43 6.33
N GLU A 186 11.27 -17.16 6.52
CA GLU A 186 11.34 -16.61 7.88
C GLU A 186 10.00 -16.66 8.58
N PHE A 187 8.93 -16.32 7.86
CA PHE A 187 7.60 -16.28 8.47
C PHE A 187 6.87 -17.61 8.38
N GLY A 188 7.40 -18.58 7.64
CA GLY A 188 6.81 -19.91 7.55
C GLY A 188 5.50 -19.93 6.78
N VAL A 189 5.43 -19.23 5.66
CA VAL A 189 4.18 -19.06 4.93
C VAL A 189 4.28 -19.74 3.57
N ASN A 190 3.09 -20.01 3.00
CA ASN A 190 2.93 -20.45 1.62
C ASN A 190 2.32 -19.37 0.74
N LEU A 191 2.02 -18.20 1.32
CA LEU A 191 1.25 -17.16 0.65
C LEU A 191 1.83 -15.81 1.03
N LEU A 192 2.16 -15.01 0.02
CA LEU A 192 2.71 -13.67 0.20
C LEU A 192 1.94 -12.71 -0.68
N ILE A 193 1.50 -11.59 -0.10
CA ILE A 193 0.76 -10.57 -0.84
C ILE A 193 1.52 -9.26 -0.71
N HIS A 194 1.79 -8.60 -1.83
CA HIS A 194 2.43 -7.30 -1.80
C HIS A 194 1.99 -6.49 -3.01
N GLY A 195 2.34 -5.20 -3.00
CA GLY A 195 2.08 -4.31 -4.10
C GLY A 195 3.36 -3.67 -4.62
N HIS A 196 3.31 -2.36 -4.86
CA HIS A 196 4.45 -1.51 -5.21
C HIS A 196 4.99 -1.73 -6.63
N THR A 197 5.16 -2.98 -7.06
CA THR A 197 5.81 -3.23 -8.34
C THR A 197 4.87 -3.03 -9.54
N HIS A 198 3.64 -2.57 -9.31
CA HIS A 198 2.73 -2.08 -10.35
C HIS A 198 2.15 -3.19 -11.23
N ARG A 199 2.83 -4.33 -11.32
CA ARG A 199 2.46 -5.39 -12.26
C ARG A 199 1.60 -6.43 -11.54
N GLU A 200 0.28 -6.38 -11.76
CA GLU A 200 -0.62 -7.33 -11.14
C GLU A 200 -0.36 -8.74 -11.65
N ALA A 201 -0.26 -9.69 -10.72
CA ALA A 201 0.18 -11.04 -11.07
C ALA A 201 -0.16 -12.00 -9.94
N ILE A 202 -0.09 -13.30 -10.27
CA ILE A 202 -0.20 -14.39 -9.31
C ILE A 202 0.82 -15.43 -9.74
N HIS A 203 1.92 -15.54 -9.00
CA HIS A 203 2.99 -16.47 -9.31
C HIS A 203 2.86 -17.70 -8.41
N GLN A 204 2.70 -18.87 -9.03
CA GLN A 204 2.59 -20.12 -8.28
C GLN A 204 3.95 -20.84 -8.28
N GLN A 205 4.86 -20.31 -7.47
CA GLN A 205 6.15 -20.94 -7.26
C GLN A 205 5.97 -22.29 -6.54
N GLU A 206 7.05 -23.09 -6.51
CA GLU A 206 6.98 -24.41 -5.90
C GLU A 206 6.70 -24.30 -4.40
N GLU A 207 7.49 -23.48 -3.70
CA GLU A 207 7.36 -23.40 -2.25
C GLU A 207 6.19 -22.52 -1.81
N PHE A 208 5.78 -21.56 -2.63
CA PHE A 208 4.80 -20.59 -2.17
C PHE A 208 4.17 -19.90 -3.38
N THR A 209 3.11 -19.13 -3.11
CA THR A 209 2.46 -18.32 -4.12
C THR A 209 2.63 -16.85 -3.73
N ARG A 210 3.00 -16.02 -4.69
CA ARG A 210 3.22 -14.59 -4.49
C ARG A 210 2.17 -13.83 -5.28
N ILE A 211 1.27 -13.17 -4.55
CA ILE A 211 0.21 -12.36 -5.16
C ILE A 211 0.68 -10.91 -5.21
N VAL A 212 0.62 -10.31 -6.40
CA VAL A 212 1.07 -8.93 -6.61
C VAL A 212 -0.13 -8.08 -6.98
N LEU A 213 -0.48 -7.14 -6.09
CA LEU A 213 -1.53 -6.18 -6.39
C LEU A 213 -1.01 -5.15 -7.38
N GLY A 214 -1.83 -4.83 -8.39
CA GLY A 214 -1.42 -3.89 -9.40
C GLY A 214 -1.87 -2.46 -9.12
N ASP A 215 -1.34 -1.54 -9.91
CA ASP A 215 -1.77 -0.15 -9.84
C ASP A 215 -3.22 -0.02 -10.31
N TRP A 216 -3.91 0.98 -9.78
CA TRP A 216 -5.22 1.36 -10.28
C TRP A 216 -5.04 2.36 -11.42
N ARG A 217 -5.55 2.04 -12.59
CA ARG A 217 -5.62 2.99 -13.69
C ARG A 217 -7.08 3.32 -13.98
N LYS A 218 -7.28 4.33 -14.83
CA LYS A 218 -8.61 4.91 -15.02
C LYS A 218 -9.64 3.88 -15.45
N ASN A 219 -9.21 2.82 -16.15
CA ASN A 219 -10.12 1.81 -16.66
C ASN A 219 -10.07 0.51 -15.86
N TYR A 220 -9.28 0.44 -14.79
CA TYR A 220 -9.12 -0.81 -14.07
C TYR A 220 -8.80 -0.55 -12.61
N ALA A 221 -9.52 -1.24 -11.72
CA ALA A 221 -9.23 -1.25 -10.28
C ALA A 221 -8.74 -2.64 -9.90
N SER A 222 -7.53 -2.71 -9.34
CA SER A 222 -6.94 -3.98 -8.95
C SER A 222 -7.35 -4.31 -7.52
N ILE A 223 -8.18 -5.34 -7.37
CA ILE A 223 -8.77 -5.70 -6.08
C ILE A 223 -8.67 -7.21 -5.91
N LEU A 224 -7.96 -7.66 -4.89
CA LEU A 224 -7.87 -9.07 -4.57
C LEU A 224 -8.91 -9.45 -3.53
N LYS A 225 -9.57 -10.59 -3.74
CA LYS A 225 -10.62 -11.06 -2.86
C LYS A 225 -10.34 -12.49 -2.42
N ASP A 227 -11.98 -15.59 0.23
CA ASP A 227 -13.16 -15.99 0.99
C ASP A 227 -12.88 -17.24 1.80
N GLU A 228 -13.86 -17.60 2.64
N GLU A 228 -13.85 -17.63 2.62
CA GLU A 228 -13.74 -18.76 3.52
CA GLU A 228 -13.65 -18.75 3.53
C GLU A 228 -13.39 -20.02 2.76
C GLU A 228 -13.59 -20.10 2.82
N SER A 229 -13.87 -20.15 1.52
CA SER A 229 -13.66 -21.38 0.74
C SER A 229 -12.22 -21.60 0.36
N GLY A 230 -11.31 -20.69 0.71
CA GLY A 230 -9.91 -20.81 0.36
C GLY A 230 -9.55 -20.31 -1.00
N GLU A 231 -10.51 -19.85 -1.80
CA GLU A 231 -10.18 -19.30 -3.10
C GLU A 231 -9.77 -17.85 -2.98
N PHE A 232 -9.09 -17.37 -4.03
CA PHE A 232 -8.74 -15.96 -4.13
C PHE A 232 -8.54 -15.60 -5.59
N GLY A 233 -8.67 -14.32 -5.88
CA GLY A 233 -8.51 -13.84 -7.23
C GLY A 233 -8.94 -12.39 -7.31
N PHE A 234 -8.59 -11.77 -8.43
CA PHE A 234 -8.84 -10.35 -8.59
C PHE A 234 -10.26 -10.12 -9.10
N ILE A 235 -10.97 -9.17 -8.50
CA ILE A 235 -12.27 -8.76 -8.97
C ILE A 235 -12.10 -8.21 -10.38
N LYS A 236 -12.45 -9.00 -11.39
CA LYS A 236 -12.57 -8.48 -12.74
C LYS A 236 -13.81 -7.59 -12.85
N ASP A 237 -13.67 -6.49 -13.59
CA ASP A 237 -14.68 -5.42 -13.65
C ASP A 237 -14.95 -4.81 -12.28
#